data_1YPF
#
_entry.id   1YPF
#
_cell.length_a   114.676
_cell.length_b   114.676
_cell.length_c   52.570
_cell.angle_alpha   90.00
_cell.angle_beta   90.00
_cell.angle_gamma   90.00
#
_symmetry.space_group_name_H-M   'P 4'
#
loop_
_entity.id
_entity.type
_entity.pdbx_description
1 polymer 'GMP reductase'
2 water water
#
_entity_poly.entity_id   1
_entity_poly.type   'polypeptide(L)'
_entity_poly.pdbx_seq_one_letter_code
;GSSHHHHHHMGNVFDYEDIQLIPAKCIVNSRSECDTTVTLGKHKFKLPVVPANMQTIIDERIATYLAENNYFYIMHRFQP
EKRISFIRDMQSRGLIASISVGVKEDEYEFVQQLAAEHLTPEYITIDIAHGHSNAVINMIQHIKKHLPESFVIAGNVGTP
EAVRELENAGADATKVGIGPGKVCITKIKTGFGTGGWQLAALRWCAKAASKPIIADGGIRTNGDVAKSIRFGATMVMIGS
LFAGHEESPGETIEKDGKLYKEYFGSASEFQKGEKKNVEGKKMFVEHKGSLEDTLIEMEQDLQSSISYAGGTKLDSIRTV
DYVVVKNSIFNGDKVY
;
_entity_poly.pdbx_strand_id   A,B
#
# COMPACT_ATOMS: atom_id res chain seq x y z
N ASN A 12 2.96 -8.74 -34.21
CA ASN A 12 3.41 -8.32 -32.83
C ASN A 12 2.70 -9.11 -31.69
N VAL A 13 2.17 -10.28 -32.03
CA VAL A 13 1.36 -11.09 -31.11
C VAL A 13 2.19 -12.28 -30.67
N PHE A 14 2.01 -12.65 -29.42
CA PHE A 14 2.73 -13.75 -28.82
C PHE A 14 1.90 -14.30 -27.65
N ASP A 15 2.42 -15.35 -27.02
CA ASP A 15 1.83 -15.94 -25.81
C ASP A 15 2.91 -16.24 -24.78
N TYR A 16 2.48 -16.80 -23.65
CA TYR A 16 3.33 -17.08 -22.47
C TYR A 16 4.63 -17.77 -22.83
N GLU A 17 4.55 -18.82 -23.64
CA GLU A 17 5.73 -19.64 -23.99
C GLU A 17 6.79 -18.89 -24.81
N ASP A 18 6.42 -17.76 -25.42
CA ASP A 18 7.32 -17.01 -26.24
C ASP A 18 8.13 -15.98 -25.42
N ILE A 19 7.74 -15.73 -24.18
CA ILE A 19 8.36 -14.65 -23.40
C ILE A 19 9.39 -15.16 -22.39
N GLN A 20 10.55 -14.50 -22.36
CA GLN A 20 11.47 -14.62 -21.20
C GLN A 20 11.72 -13.29 -20.59
N LEU A 21 11.60 -13.22 -19.26
CA LEU A 21 11.93 -11.98 -18.53
C LEU A 21 13.44 -11.94 -18.22
N ILE A 22 13.98 -10.74 -18.29
CA ILE A 22 15.38 -10.52 -18.14
C ILE A 22 15.71 -10.11 -16.70
N PRO A 23 16.67 -10.82 -16.10
CA PRO A 23 17.07 -10.51 -14.72
C PRO A 23 17.71 -9.13 -14.53
N ALA A 24 17.49 -8.58 -13.36
CA ALA A 24 18.12 -7.32 -12.94
C ALA A 24 18.96 -7.59 -11.67
N LYS A 25 19.81 -6.64 -11.27
CA LYS A 25 20.69 -6.86 -10.11
C LYS A 25 19.90 -7.31 -8.87
N CYS A 26 20.31 -8.44 -8.28
CA CYS A 26 19.67 -8.97 -7.09
C CYS A 26 20.05 -8.13 -5.89
N ILE A 27 19.04 -7.73 -5.12
CA ILE A 27 19.22 -6.84 -3.93
C ILE A 27 18.77 -7.45 -2.62
N VAL A 28 18.33 -8.70 -2.66
CA VAL A 28 17.95 -9.41 -1.46
C VAL A 28 18.99 -10.50 -1.14
N ASN A 29 19.12 -10.79 0.14
CA ASN A 29 19.99 -11.87 0.61
C ASN A 29 19.27 -13.17 0.67
N SER A 30 17.94 -13.13 0.60
CA SER A 30 17.14 -14.34 0.63
C SER A 30 15.75 -14.09 0.05
N ARG A 31 15.27 -15.03 -0.75
CA ARG A 31 13.88 -15.06 -1.24
C ARG A 31 12.85 -14.63 -0.23
N SER A 32 13.10 -15.08 1.01
CA SER A 32 12.24 -14.77 2.14
C SER A 32 12.01 -13.30 2.36
N GLU A 33 12.93 -12.45 1.88
CA GLU A 33 12.76 -11.02 1.94
C GLU A 33 11.71 -10.47 0.99
N CYS A 34 11.26 -11.26 0.01
CA CYS A 34 10.39 -10.70 -1.05
C CYS A 34 8.89 -10.79 -0.69
N ASP A 35 8.18 -9.69 -0.88
CA ASP A 35 6.77 -9.60 -0.51
C ASP A 35 5.91 -9.85 -1.76
N THR A 36 5.13 -10.93 -1.74
CA THR A 36 4.23 -11.34 -2.86
C THR A 36 2.74 -10.88 -2.73
N THR A 37 2.44 -10.04 -1.75
CA THR A 37 1.05 -9.65 -1.50
C THR A 37 0.52 -8.71 -2.55
N VAL A 38 -0.81 -8.71 -2.70
CA VAL A 38 -1.53 -7.75 -3.54
C VAL A 38 -2.86 -7.32 -2.89
N THR A 39 -3.30 -6.09 -3.18
CA THR A 39 -4.59 -5.53 -2.73
C THR A 39 -5.54 -5.45 -3.93
N LEU A 40 -6.81 -5.80 -3.68
CA LEU A 40 -7.87 -5.68 -4.65
C LEU A 40 -9.05 -5.07 -3.90
N GLY A 41 -9.39 -3.84 -4.26
CA GLY A 41 -10.37 -3.07 -3.49
C GLY A 41 -9.86 -2.85 -2.09
N LYS A 42 -10.67 -3.23 -1.11
CA LYS A 42 -10.39 -2.92 0.31
C LYS A 42 -9.64 -4.02 1.07
N HIS A 43 -9.24 -5.10 0.39
CA HIS A 43 -8.59 -6.20 1.05
C HIS A 43 -7.22 -6.55 0.45
N LYS A 44 -6.35 -7.03 1.31
CA LYS A 44 -5.01 -7.49 0.96
C LYS A 44 -4.95 -9.01 1.00
N PHE A 45 -4.30 -9.61 0.00
CA PHE A 45 -4.18 -11.07 -0.08
C PHE A 45 -2.72 -11.51 -0.25
N LYS A 46 -2.47 -12.77 0.09
CA LYS A 46 -1.14 -13.36 0.16
C LYS A 46 -0.45 -13.39 -1.21
N LEU A 47 -1.23 -13.71 -2.25
CA LEU A 47 -0.74 -13.98 -3.62
C LEU A 47 -1.64 -13.33 -4.64
N PRO A 48 -1.08 -12.94 -5.81
CA PRO A 48 -1.88 -12.44 -6.94
C PRO A 48 -2.46 -13.55 -7.83
N VAL A 49 -2.96 -14.63 -7.23
CA VAL A 49 -3.59 -15.73 -7.94
C VAL A 49 -4.94 -16.09 -7.30
N VAL A 50 -5.79 -16.67 -8.14
CA VAL A 50 -7.14 -17.05 -7.73
C VAL A 50 -7.58 -18.26 -8.56
N PRO A 51 -8.16 -19.26 -7.90
CA PRO A 51 -8.68 -20.40 -8.61
C PRO A 51 -9.84 -20.03 -9.52
N ALA A 52 -9.96 -20.76 -10.62
CA ALA A 52 -11.09 -20.59 -11.53
C ALA A 52 -12.40 -20.76 -10.77
N ASN A 53 -13.35 -19.86 -11.04
CA ASN A 53 -14.66 -19.91 -10.39
C ASN A 53 -15.60 -20.93 -11.06
N MET A 54 -15.22 -22.21 -10.97
CA MET A 54 -15.96 -23.34 -11.57
C MET A 54 -16.05 -24.48 -10.56
N GLN A 55 -17.14 -25.25 -10.66
CA GLN A 55 -17.39 -26.33 -9.70
C GLN A 55 -16.42 -27.52 -9.78
N THR A 56 -15.73 -27.66 -10.90
CA THR A 56 -14.66 -28.64 -11.04
C THR A 56 -13.36 -28.24 -10.33
N ILE A 57 -13.27 -26.98 -9.85
CA ILE A 57 -12.05 -26.42 -9.26
C ILE A 57 -12.25 -25.97 -7.81
N ILE A 58 -13.33 -25.26 -7.53
CA ILE A 58 -13.56 -24.75 -6.18
C ILE A 58 -14.88 -25.24 -5.59
N ASP A 59 -14.92 -25.35 -4.26
CA ASP A 59 -16.15 -25.61 -3.53
C ASP A 59 -16.14 -24.88 -2.20
N GLU A 60 -17.14 -25.12 -1.35
CA GLU A 60 -17.25 -24.38 -0.09
C GLU A 60 -16.12 -24.66 0.90
N ARG A 61 -15.65 -25.91 0.98
CA ARG A 61 -14.53 -26.24 1.87
C ARG A 61 -13.25 -25.54 1.41
N ILE A 62 -12.96 -25.63 0.11
CA ILE A 62 -11.77 -24.94 -0.44
C ILE A 62 -11.86 -23.40 -0.22
N ALA A 63 -13.04 -22.81 -0.46
CA ALA A 63 -13.25 -21.35 -0.23
C ALA A 63 -13.03 -20.89 1.21
N THR A 64 -13.43 -21.75 2.14
CA THR A 64 -13.23 -21.49 3.57
C THR A 64 -11.74 -21.56 3.97
N TYR A 65 -11.04 -22.58 3.48
CA TYR A 65 -9.60 -22.67 3.64
C TYR A 65 -8.93 -21.40 3.12
N LEU A 66 -9.32 -20.99 1.92
CA LEU A 66 -8.68 -19.86 1.28
C LEU A 66 -8.91 -18.58 2.05
N ALA A 67 -10.16 -18.30 2.40
CA ALA A 67 -10.47 -17.05 3.09
C ALA A 67 -9.84 -17.02 4.50
N GLU A 68 -9.81 -18.18 5.17
CA GLU A 68 -9.20 -18.33 6.51
C GLU A 68 -7.70 -18.07 6.55
N ASN A 69 -7.07 -18.13 5.39
CA ASN A 69 -5.64 -17.94 5.26
C ASN A 69 -5.25 -16.75 4.38
N ASN A 70 -6.22 -15.88 4.10
CA ASN A 70 -5.99 -14.62 3.38
C ASN A 70 -5.57 -14.75 1.89
N TYR A 71 -6.06 -15.82 1.26
CA TYR A 71 -5.97 -16.05 -0.20
C TYR A 71 -7.31 -15.61 -0.81
N PHE A 72 -7.26 -14.95 -1.97
CA PHE A 72 -8.47 -14.56 -2.70
C PHE A 72 -9.16 -15.80 -3.28
N TYR A 73 -10.50 -15.83 -3.25
CA TYR A 73 -11.26 -16.84 -3.97
C TYR A 73 -12.49 -16.16 -4.58
N ILE A 74 -13.09 -16.84 -5.54
CA ILE A 74 -14.37 -16.45 -6.12
C ILE A 74 -15.13 -17.75 -6.27
N MET A 75 -16.26 -17.85 -5.57
CA MET A 75 -17.08 -19.03 -5.61
C MET A 75 -17.84 -19.09 -6.94
N HIS A 76 -18.09 -20.30 -7.39
CA HIS A 76 -18.91 -20.56 -8.58
C HIS A 76 -20.43 -20.41 -8.27
N ARG A 77 -21.24 -20.39 -9.33
CA ARG A 77 -22.69 -20.23 -9.19
C ARG A 77 -23.45 -21.45 -9.73
N PHE A 78 -22.88 -22.63 -9.60
CA PHE A 78 -23.55 -23.84 -10.05
C PHE A 78 -24.77 -24.20 -9.20
N GLN A 79 -24.74 -23.85 -7.92
CA GLN A 79 -25.92 -24.06 -7.06
C GLN A 79 -26.39 -22.74 -6.52
N PRO A 80 -26.98 -21.92 -7.42
CA PRO A 80 -27.21 -20.54 -7.11
C PRO A 80 -28.10 -20.30 -5.93
N GLU A 81 -28.93 -21.28 -5.58
CA GLU A 81 -29.85 -21.16 -4.45
C GLU A 81 -29.11 -21.10 -3.10
N LYS A 82 -27.86 -21.55 -3.09
CA LYS A 82 -27.02 -21.56 -1.89
C LYS A 82 -26.24 -20.29 -1.61
N ARG A 83 -26.25 -19.32 -2.53
CA ARG A 83 -25.40 -18.13 -2.41
C ARG A 83 -25.79 -17.18 -1.29
N ILE A 84 -27.08 -17.00 -1.03
CA ILE A 84 -27.48 -16.10 0.04
C ILE A 84 -27.01 -16.65 1.40
N SER A 85 -27.14 -17.97 1.61
CA SER A 85 -26.67 -18.58 2.86
C SER A 85 -25.13 -18.55 2.94
N PHE A 86 -24.47 -18.92 1.84
CA PHE A 86 -23.01 -18.81 1.73
C PHE A 86 -22.52 -17.43 2.18
N ILE A 87 -23.10 -16.37 1.66
CA ILE A 87 -22.66 -15.03 2.03
C ILE A 87 -22.82 -14.85 3.53
N ARG A 88 -24.02 -15.14 4.01
CA ARG A 88 -24.37 -14.89 5.41
C ARG A 88 -23.40 -15.61 6.33
N ASP A 89 -23.09 -16.84 5.98
CA ASP A 89 -22.26 -17.68 6.81
C ASP A 89 -20.78 -17.26 6.81
N MET A 90 -20.23 -16.96 5.63
CA MET A 90 -18.84 -16.50 5.57
C MET A 90 -18.70 -15.29 6.45
N GLN A 91 -19.61 -14.33 6.29
CA GLN A 91 -19.45 -13.01 6.87
C GLN A 91 -19.60 -13.07 8.39
N SER A 92 -20.31 -14.09 8.86
CA SER A 92 -20.52 -14.33 10.29
C SER A 92 -19.28 -14.96 10.95
N ARG A 93 -18.47 -15.63 10.15
CA ARG A 93 -17.16 -16.14 10.58
C ARG A 93 -16.07 -15.09 10.34
N GLY A 94 -16.47 -13.87 9.98
CA GLY A 94 -15.51 -12.82 9.72
C GLY A 94 -14.68 -13.07 8.46
N LEU A 95 -15.26 -13.79 7.50
CA LEU A 95 -14.57 -14.12 6.26
C LEU A 95 -15.20 -13.35 5.08
N ILE A 96 -14.39 -13.05 4.07
CA ILE A 96 -14.85 -12.39 2.85
C ILE A 96 -15.81 -13.30 2.11
N ALA A 97 -16.87 -12.70 1.58
CA ALA A 97 -17.83 -13.39 0.69
C ALA A 97 -17.63 -12.87 -0.72
N SER A 98 -17.28 -13.77 -1.62
CA SER A 98 -16.96 -13.47 -3.01
C SER A 98 -17.75 -14.48 -3.85
N ILE A 99 -18.71 -13.99 -4.64
CA ILE A 99 -19.63 -14.88 -5.34
C ILE A 99 -19.65 -14.55 -6.82
N SER A 100 -20.32 -15.39 -7.61
CA SER A 100 -20.53 -15.18 -9.04
C SER A 100 -22.02 -14.97 -9.34
N VAL A 101 -22.31 -14.12 -10.33
CA VAL A 101 -23.67 -13.94 -10.83
C VAL A 101 -23.67 -13.94 -12.36
N GLY A 102 -24.86 -14.17 -12.93
CA GLY A 102 -25.10 -14.08 -14.36
C GLY A 102 -25.84 -12.79 -14.69
N VAL A 103 -26.55 -12.79 -15.81
CA VAL A 103 -27.21 -11.57 -16.28
C VAL A 103 -28.71 -11.70 -16.60
N LYS A 104 -29.25 -12.90 -16.38
CA LYS A 104 -30.68 -13.20 -16.58
C LYS A 104 -31.61 -12.54 -15.54
N GLU A 105 -32.91 -12.52 -15.88
CA GLU A 105 -33.88 -11.79 -15.08
C GLU A 105 -33.91 -12.23 -13.62
N ASP A 106 -33.77 -13.53 -13.38
CA ASP A 106 -33.72 -14.03 -12.02
C ASP A 106 -32.50 -13.54 -11.21
N GLU A 107 -31.41 -13.20 -11.90
CA GLU A 107 -30.24 -12.62 -11.21
C GLU A 107 -30.49 -11.17 -10.79
N TYR A 108 -31.32 -10.46 -11.54
CA TYR A 108 -31.82 -9.15 -11.09
C TYR A 108 -32.60 -9.27 -9.77
N GLU A 109 -33.38 -10.33 -9.64
CA GLU A 109 -34.19 -10.55 -8.44
C GLU A 109 -33.27 -10.90 -7.29
N PHE A 110 -32.25 -11.71 -7.59
CA PHE A 110 -31.30 -12.23 -6.59
C PHE A 110 -30.61 -11.10 -5.91
N VAL A 111 -30.14 -10.17 -6.72
CA VAL A 111 -29.49 -8.97 -6.26
C VAL A 111 -30.44 -8.13 -5.40
N GLN A 112 -31.68 -7.99 -5.85
CA GLN A 112 -32.67 -7.22 -5.09
C GLN A 112 -32.90 -7.90 -3.74
N GLN A 113 -33.02 -9.22 -3.77
CA GLN A 113 -33.08 -10.00 -2.56
C GLN A 113 -31.99 -9.64 -1.57
N LEU A 114 -30.77 -9.57 -2.07
CA LEU A 114 -29.63 -9.34 -1.21
C LEU A 114 -29.80 -7.97 -0.56
N ALA A 115 -30.32 -7.03 -1.33
CA ALA A 115 -30.34 -5.64 -0.89
C ALA A 115 -31.32 -5.46 0.25
N ALA A 116 -32.14 -6.48 0.47
CA ALA A 116 -33.36 -6.33 1.26
C ALA A 116 -33.10 -6.97 2.60
N GLU A 117 -32.32 -8.04 2.57
CA GLU A 117 -31.67 -8.52 3.76
C GLU A 117 -30.38 -7.83 4.10
N HIS A 118 -30.10 -6.74 3.42
CA HIS A 118 -28.87 -6.03 3.68
C HIS A 118 -27.72 -7.01 3.85
N LEU A 119 -27.61 -7.95 2.91
CA LEU A 119 -26.36 -8.62 2.64
C LEU A 119 -25.62 -8.00 1.47
N THR A 120 -24.39 -7.57 1.75
CA THR A 120 -23.50 -7.06 0.72
C THR A 120 -22.24 -7.93 0.66
N PRO A 121 -22.09 -8.77 -0.39
CA PRO A 121 -20.86 -9.58 -0.52
C PRO A 121 -19.71 -8.61 -0.85
N GLU A 122 -18.51 -8.91 -0.35
CA GLU A 122 -17.39 -8.01 -0.55
C GLU A 122 -17.09 -7.92 -2.07
N TYR A 123 -17.28 -9.05 -2.75
CA TYR A 123 -16.96 -9.24 -4.17
C TYR A 123 -18.08 -9.94 -4.92
N ILE A 124 -18.47 -9.34 -6.06
CA ILE A 124 -19.35 -10.00 -7.01
C ILE A 124 -18.69 -10.05 -8.40
N THR A 125 -18.61 -11.26 -8.95
CA THR A 125 -18.12 -11.51 -10.30
C THR A 125 -19.27 -11.87 -11.26
N ILE A 126 -19.46 -11.01 -12.24
CA ILE A 126 -20.41 -11.26 -13.32
C ILE A 126 -19.71 -12.16 -14.34
N ASP A 127 -20.12 -13.40 -14.49
CA ASP A 127 -19.32 -14.38 -15.22
CA ASP A 127 -19.32 -14.33 -15.27
C ASP A 127 -20.05 -14.91 -16.47
N ILE A 128 -19.71 -14.33 -17.62
CA ILE A 128 -20.35 -14.60 -18.91
C ILE A 128 -19.24 -14.87 -19.98
N ALA A 129 -19.47 -15.81 -20.88
CA ALA A 129 -18.47 -16.18 -21.88
C ALA A 129 -18.08 -14.99 -22.72
N HIS A 130 -19.07 -14.29 -23.25
CA HIS A 130 -18.86 -13.14 -24.13
C HIS A 130 -19.39 -11.89 -23.39
N GLY A 131 -18.54 -11.36 -22.52
CA GLY A 131 -18.96 -10.40 -21.51
C GLY A 131 -19.05 -8.95 -22.00
N HIS A 132 -18.46 -8.66 -23.17
CA HIS A 132 -18.65 -7.35 -23.80
C HIS A 132 -20.08 -7.33 -24.38
N SER A 133 -21.05 -6.90 -23.57
CA SER A 133 -22.49 -6.89 -23.96
C SER A 133 -23.31 -5.92 -23.12
N ASN A 134 -24.47 -5.52 -23.64
CA ASN A 134 -25.33 -4.64 -22.83
C ASN A 134 -25.95 -5.39 -21.67
N ALA A 135 -26.05 -6.71 -21.81
CA ALA A 135 -26.52 -7.59 -20.73
C ALA A 135 -25.62 -7.44 -19.51
N VAL A 136 -24.31 -7.46 -19.74
CA VAL A 136 -23.33 -7.27 -18.66
C VAL A 136 -23.32 -5.82 -18.16
N ILE A 137 -23.38 -4.86 -19.08
CA ILE A 137 -23.42 -3.45 -18.71
C ILE A 137 -24.61 -3.12 -17.76
N ASN A 138 -25.79 -3.64 -18.09
CA ASN A 138 -26.99 -3.40 -17.28
C ASN A 138 -26.92 -4.10 -15.93
N MET A 139 -26.35 -5.30 -15.88
CA MET A 139 -26.13 -5.96 -14.60
C MET A 139 -25.13 -5.19 -13.70
N ILE A 140 -24.06 -4.65 -14.28
CA ILE A 140 -23.15 -3.81 -13.51
C ILE A 140 -23.94 -2.66 -12.86
N GLN A 141 -24.74 -1.97 -13.66
CA GLN A 141 -25.50 -0.79 -13.22
C GLN A 141 -26.56 -1.14 -12.17
N HIS A 142 -27.20 -2.28 -12.34
CA HIS A 142 -28.15 -2.84 -11.35
C HIS A 142 -27.48 -3.16 -10.02
N ILE A 143 -26.33 -3.85 -10.07
CA ILE A 143 -25.58 -4.18 -8.88
C ILE A 143 -25.15 -2.94 -8.12
N LYS A 144 -24.63 -1.93 -8.83
CA LYS A 144 -24.11 -0.73 -8.22
C LYS A 144 -25.22 0.13 -7.60
N LYS A 145 -26.45 -0.07 -8.06
CA LYS A 145 -27.62 0.62 -7.49
C LYS A 145 -28.07 -0.03 -6.18
N HIS A 146 -28.16 -1.35 -6.16
CA HIS A 146 -28.71 -2.07 -5.02
C HIS A 146 -27.69 -2.54 -3.98
N LEU A 147 -26.43 -2.67 -4.37
CA LEU A 147 -25.35 -3.12 -3.49
C LEU A 147 -24.12 -2.26 -3.72
N PRO A 148 -24.23 -0.96 -3.42
CA PRO A 148 -23.14 -0.04 -3.76
C PRO A 148 -21.76 -0.40 -3.16
N GLU A 149 -21.72 -1.09 -2.05
CA GLU A 149 -20.44 -1.42 -1.40
C GLU A 149 -19.78 -2.68 -1.98
N SER A 150 -20.48 -3.40 -2.85
CA SER A 150 -19.90 -4.63 -3.45
C SER A 150 -18.85 -4.31 -4.52
N PHE A 151 -17.70 -5.00 -4.45
CA PHE A 151 -16.62 -4.82 -5.46
C PHE A 151 -16.97 -5.73 -6.66
N VAL A 152 -17.22 -5.09 -7.81
CA VAL A 152 -17.74 -5.77 -9.00
C VAL A 152 -16.65 -6.04 -10.07
N ILE A 153 -16.48 -7.30 -10.39
CA ILE A 153 -15.50 -7.78 -11.39
C ILE A 153 -16.37 -8.20 -12.56
N ALA A 154 -16.11 -7.65 -13.74
CA ALA A 154 -16.97 -7.97 -14.89
C ALA A 154 -16.15 -8.59 -16.03
N GLY A 155 -16.74 -9.57 -16.70
CA GLY A 155 -16.11 -10.21 -17.82
C GLY A 155 -16.95 -11.30 -18.41
N ASN A 156 -16.40 -12.05 -19.37
CA ASN A 156 -15.02 -11.95 -19.81
C ASN A 156 -14.92 -11.11 -21.08
N VAL A 157 -13.81 -10.39 -21.21
CA VAL A 157 -13.54 -9.55 -22.35
C VAL A 157 -12.19 -9.86 -22.98
N GLY A 158 -11.99 -9.35 -24.19
CA GLY A 158 -10.77 -9.59 -24.92
C GLY A 158 -10.20 -8.43 -25.67
N THR A 159 -10.77 -7.24 -25.50
CA THR A 159 -10.32 -6.07 -26.18
C THR A 159 -10.28 -4.85 -25.24
N PRO A 160 -9.41 -3.89 -25.56
CA PRO A 160 -9.37 -2.61 -24.85
C PRO A 160 -10.66 -1.76 -24.90
N GLU A 161 -11.36 -1.76 -26.03
CA GLU A 161 -12.66 -1.09 -26.11
C GLU A 161 -13.65 -1.73 -25.12
N ALA A 162 -13.60 -3.06 -24.96
CA ALA A 162 -14.50 -3.73 -24.00
C ALA A 162 -14.15 -3.38 -22.57
N VAL A 163 -12.86 -3.40 -22.23
CA VAL A 163 -12.42 -3.06 -20.87
C VAL A 163 -12.95 -1.65 -20.53
N ARG A 164 -12.73 -0.73 -21.46
CA ARG A 164 -13.15 0.68 -21.33
C ARG A 164 -14.64 0.82 -21.08
N GLU A 165 -15.42 0.15 -21.92
CA GLU A 165 -16.90 0.21 -21.83
C GLU A 165 -17.38 -0.36 -20.50
N LEU A 166 -16.75 -1.43 -20.03
CA LEU A 166 -17.17 -2.04 -18.78
C LEU A 166 -16.74 -1.20 -17.56
N GLU A 167 -15.52 -0.68 -17.59
CA GLU A 167 -15.03 0.23 -16.55
C GLU A 167 -15.95 1.46 -16.48
N ASN A 168 -16.21 2.06 -17.63
CA ASN A 168 -17.11 3.19 -17.72
C ASN A 168 -18.55 2.86 -17.21
N ALA A 169 -19.06 1.64 -17.41
CA ALA A 169 -20.37 1.26 -16.88
C ALA A 169 -20.40 1.17 -15.35
N GLY A 170 -19.23 1.12 -14.72
CA GLY A 170 -19.12 1.04 -13.27
C GLY A 170 -18.37 -0.18 -12.69
N ALA A 171 -17.85 -1.07 -13.54
CA ALA A 171 -17.11 -2.23 -12.99
C ALA A 171 -15.91 -1.75 -12.17
N ASP A 172 -15.59 -2.39 -11.05
CA ASP A 172 -14.35 -2.07 -10.30
C ASP A 172 -13.10 -2.86 -10.78
N ALA A 173 -13.34 -3.87 -11.60
CA ALA A 173 -12.28 -4.63 -12.26
C ALA A 173 -12.87 -5.36 -13.45
N THR A 174 -12.02 -5.80 -14.38
CA THR A 174 -12.46 -6.62 -15.51
C THR A 174 -11.68 -7.93 -15.56
N LYS A 175 -12.31 -8.96 -16.10
CA LYS A 175 -11.64 -10.25 -16.27
C LYS A 175 -11.40 -10.53 -17.75
N VAL A 176 -10.13 -10.75 -18.09
CA VAL A 176 -9.66 -10.76 -19.49
C VAL A 176 -9.24 -12.18 -19.93
N GLY A 177 -9.81 -12.59 -21.07
CA GLY A 177 -9.61 -13.96 -21.62
C GLY A 177 -10.87 -14.47 -22.31
N ILE A 178 -10.75 -14.84 -23.60
CA ILE A 178 -11.86 -15.38 -24.37
C ILE A 178 -11.35 -16.67 -25.04
N GLY A 179 -11.66 -17.79 -24.41
CA GLY A 179 -11.15 -19.10 -24.82
C GLY A 179 -9.63 -19.08 -24.96
N PRO A 180 -8.93 -18.84 -23.84
CA PRO A 180 -7.49 -18.60 -23.86
C PRO A 180 -6.65 -19.84 -24.17
N GLY A 181 -7.17 -21.03 -23.86
CA GLY A 181 -6.40 -22.25 -24.12
C GLY A 181 -6.17 -22.54 -25.59
N LYS A 182 -5.06 -23.21 -25.88
CA LYS A 182 -4.59 -23.39 -27.26
C LYS A 182 -5.49 -24.35 -28.02
N VAL A 183 -6.20 -25.20 -27.29
CA VAL A 183 -7.09 -26.17 -27.94
C VAL A 183 -8.46 -26.25 -27.25
N CYS A 184 -8.92 -25.13 -26.72
CA CYS A 184 -10.21 -25.10 -26.05
C CYS A 184 -11.37 -25.04 -27.05
N ILE A 185 -12.59 -25.23 -26.54
CA ILE A 185 -13.80 -25.27 -27.36
C ILE A 185 -14.05 -24.02 -28.18
N THR A 186 -14.02 -22.89 -27.52
CA THR A 186 -14.30 -21.62 -28.14
C THR A 186 -13.43 -21.40 -29.39
N LYS A 187 -12.12 -21.58 -29.23
CA LYS A 187 -11.16 -21.45 -30.34
C LYS A 187 -11.52 -22.37 -31.50
N ILE A 188 -11.71 -23.65 -31.18
CA ILE A 188 -11.94 -24.63 -32.19
C ILE A 188 -13.29 -24.44 -32.88
N LYS A 189 -14.34 -24.19 -32.12
CA LYS A 189 -15.66 -24.21 -32.71
C LYS A 189 -16.08 -22.88 -33.36
N THR A 190 -15.56 -21.74 -32.88
CA THR A 190 -16.01 -20.43 -33.38
C THR A 190 -14.97 -19.64 -34.19
N GLY A 191 -13.69 -19.92 -34.00
CA GLY A 191 -12.60 -19.17 -34.60
C GLY A 191 -12.27 -17.84 -33.93
N PHE A 192 -12.94 -17.55 -32.80
CA PHE A 192 -12.77 -16.27 -32.10
C PHE A 192 -12.07 -16.49 -30.76
N GLY A 193 -11.35 -15.46 -30.35
CA GLY A 193 -10.94 -15.29 -28.96
C GLY A 193 -9.44 -15.06 -28.82
N THR A 194 -8.97 -15.21 -27.58
CA THR A 194 -7.56 -14.96 -27.24
C THR A 194 -6.70 -16.22 -27.21
N GLY A 195 -7.26 -17.34 -27.67
CA GLY A 195 -6.54 -18.62 -27.64
C GLY A 195 -5.32 -18.56 -28.53
N GLY A 196 -4.18 -18.91 -27.96
CA GLY A 196 -2.93 -18.83 -28.66
C GLY A 196 -2.20 -17.51 -28.69
N TRP A 197 -2.81 -16.44 -28.10
CA TRP A 197 -2.13 -15.15 -27.87
C TRP A 197 -2.59 -14.44 -26.57
N GLN A 198 -2.90 -15.22 -25.55
CA GLN A 198 -3.48 -14.69 -24.30
C GLN A 198 -2.59 -13.65 -23.66
N LEU A 199 -1.28 -13.86 -23.63
CA LEU A 199 -0.41 -12.83 -23.01
C LEU A 199 -0.41 -11.46 -23.71
N ALA A 200 -0.32 -11.49 -25.05
CA ALA A 200 -0.36 -10.25 -25.82
C ALA A 200 -1.74 -9.59 -25.72
N ALA A 201 -2.80 -10.40 -25.67
CA ALA A 201 -4.16 -9.90 -25.46
C ALA A 201 -4.26 -9.18 -24.11
N LEU A 202 -3.65 -9.76 -23.08
CA LEU A 202 -3.62 -9.16 -21.74
C LEU A 202 -2.89 -7.80 -21.75
N ARG A 203 -1.72 -7.78 -22.34
CA ARG A 203 -0.98 -6.53 -22.52
C ARG A 203 -1.82 -5.42 -23.20
N TRP A 204 -2.48 -5.82 -24.29
CA TRP A 204 -3.26 -4.92 -25.13
C TRP A 204 -4.41 -4.28 -24.35
N CYS A 205 -5.15 -5.13 -23.65
CA CYS A 205 -6.26 -4.74 -22.76
C CYS A 205 -5.78 -3.91 -21.56
N ALA A 206 -4.63 -4.30 -20.99
CA ALA A 206 -4.07 -3.62 -19.82
C ALA A 206 -3.63 -2.20 -20.09
N LYS A 207 -3.11 -1.96 -21.29
CA LYS A 207 -2.68 -0.62 -21.66
C LYS A 207 -3.85 0.38 -21.69
N ALA A 208 -5.06 -0.11 -21.91
CA ALA A 208 -6.24 0.72 -21.93
C ALA A 208 -6.89 0.92 -20.55
N ALA A 209 -6.51 0.14 -19.55
CA ALA A 209 -7.34 -0.02 -18.36
C ALA A 209 -7.02 1.02 -17.29
N SER A 210 -8.06 1.59 -16.68
CA SER A 210 -7.90 2.44 -15.50
CA SER A 210 -7.88 2.44 -15.49
C SER A 210 -8.14 1.65 -14.20
N LYS A 211 -8.76 0.48 -14.31
CA LYS A 211 -9.04 -0.34 -13.15
C LYS A 211 -8.29 -1.69 -13.20
N PRO A 212 -8.14 -2.40 -12.05
CA PRO A 212 -7.48 -3.71 -12.03
C PRO A 212 -8.01 -4.72 -13.06
N ILE A 213 -7.10 -5.54 -13.56
CA ILE A 213 -7.42 -6.65 -14.43
C ILE A 213 -7.10 -8.01 -13.79
N ILE A 214 -8.07 -8.92 -13.90
CA ILE A 214 -7.87 -10.35 -13.60
C ILE A 214 -7.59 -11.07 -14.92
N ALA A 215 -6.37 -11.62 -15.04
CA ALA A 215 -5.96 -12.35 -16.25
C ALA A 215 -6.46 -13.77 -16.15
N ASP A 216 -7.28 -14.21 -17.11
CA ASP A 216 -8.02 -15.49 -16.92
C ASP A 216 -7.59 -16.55 -17.93
N GLY A 217 -6.71 -17.46 -17.51
CA GLY A 217 -6.45 -18.67 -18.28
C GLY A 217 -5.19 -18.64 -19.13
N GLY A 218 -4.89 -19.75 -19.79
CA GLY A 218 -3.63 -19.93 -20.50
C GLY A 218 -2.38 -20.09 -19.63
N ILE A 219 -2.56 -20.23 -18.32
CA ILE A 219 -1.43 -20.37 -17.41
C ILE A 219 -1.01 -21.84 -17.41
N ARG A 220 0.23 -22.10 -17.78
CA ARG A 220 0.74 -23.49 -17.78
C ARG A 220 1.84 -23.80 -16.75
N THR A 221 2.50 -22.76 -16.24
CA THR A 221 3.64 -22.90 -15.31
C THR A 221 3.51 -21.80 -14.27
N ASN A 222 4.18 -21.97 -13.14
CA ASN A 222 4.23 -20.88 -12.15
C ASN A 222 4.93 -19.63 -12.69
N GLY A 223 5.88 -19.78 -13.62
CA GLY A 223 6.53 -18.63 -14.25
C GLY A 223 5.57 -17.76 -15.03
N ASP A 224 4.45 -18.32 -15.47
CA ASP A 224 3.44 -17.54 -16.18
C ASP A 224 2.67 -16.55 -15.31
N VAL A 225 2.67 -16.79 -14.01
CA VAL A 225 2.17 -15.78 -13.06
C VAL A 225 3.02 -14.50 -13.12
N ALA A 226 4.33 -14.60 -12.96
CA ALA A 226 5.21 -13.40 -13.13
C ALA A 226 5.04 -12.68 -14.48
N LYS A 227 4.96 -13.47 -15.55
CA LYS A 227 4.73 -12.96 -16.89
C LYS A 227 3.40 -12.21 -16.96
N SER A 228 2.33 -12.74 -16.38
CA SER A 228 1.03 -12.01 -16.34
C SER A 228 1.14 -10.65 -15.59
N ILE A 229 1.89 -10.65 -14.47
CA ILE A 229 2.15 -9.44 -13.71
C ILE A 229 2.93 -8.42 -14.56
N ARG A 230 4.00 -8.85 -15.24
CA ARG A 230 4.76 -7.94 -16.14
C ARG A 230 3.85 -7.22 -17.12
N PHE A 231 2.92 -7.95 -17.72
CA PHE A 231 2.08 -7.40 -18.78
C PHE A 231 0.69 -7.08 -18.26
N GLY A 232 0.56 -6.97 -16.95
CA GLY A 232 -0.21 -5.89 -16.35
C GLY A 232 -1.40 -6.39 -15.56
N ALA A 233 -1.37 -7.68 -15.22
CA ALA A 233 -2.41 -8.26 -14.38
C ALA A 233 -2.27 -7.82 -12.92
N THR A 234 -3.39 -7.81 -12.20
CA THR A 234 -3.36 -7.67 -10.75
C THR A 234 -3.64 -9.00 -10.06
N MET A 235 -4.66 -9.70 -10.54
CA MET A 235 -4.89 -11.09 -10.15
C MET A 235 -4.82 -12.01 -11.36
N VAL A 236 -4.31 -13.22 -11.15
CA VAL A 236 -4.24 -14.22 -12.21
C VAL A 236 -5.13 -15.42 -11.88
N MET A 237 -6.16 -15.62 -12.71
CA MET A 237 -7.11 -16.73 -12.52
C MET A 237 -6.58 -18.01 -13.17
N ILE A 238 -6.50 -19.07 -12.36
CA ILE A 238 -5.86 -20.35 -12.75
C ILE A 238 -6.79 -21.55 -12.65
N GLY A 239 -6.87 -22.35 -13.72
CA GLY A 239 -7.67 -23.58 -13.75
C GLY A 239 -6.82 -24.82 -13.54
N SER A 240 -6.20 -25.31 -14.62
CA SER A 240 -5.42 -26.57 -14.64
C SER A 240 -4.42 -26.76 -13.50
N LEU A 241 -3.69 -25.72 -13.16
CA LEU A 241 -2.66 -25.88 -12.14
C LEU A 241 -3.29 -26.19 -10.78
N PHE A 242 -4.54 -25.78 -10.59
CA PHE A 242 -5.26 -26.07 -9.33
C PHE A 242 -6.14 -27.31 -9.42
N ALA A 243 -6.27 -27.87 -10.61
CA ALA A 243 -7.08 -29.07 -10.79
C ALA A 243 -6.34 -30.31 -10.31
N GLY A 244 -7.08 -31.27 -9.77
CA GLY A 244 -6.49 -32.56 -9.42
C GLY A 244 -5.69 -32.62 -8.14
N HIS A 245 -6.08 -31.81 -7.15
CA HIS A 245 -5.61 -31.96 -5.76
C HIS A 245 -6.52 -32.87 -4.94
N GLU A 246 -5.98 -33.42 -3.85
CA GLU A 246 -6.78 -34.28 -2.98
C GLU A 246 -8.09 -33.57 -2.61
N GLU A 247 -7.98 -32.29 -2.24
CA GLU A 247 -9.13 -31.45 -1.91
C GLU A 247 -10.06 -31.12 -3.07
N SER A 248 -9.59 -31.29 -4.30
CA SER A 248 -10.40 -30.90 -5.44
C SER A 248 -11.61 -31.82 -5.57
N PRO A 249 -12.70 -31.31 -6.14
CA PRO A 249 -13.80 -32.13 -6.60
C PRO A 249 -13.33 -33.38 -7.37
N GLY A 250 -14.11 -34.45 -7.28
CA GLY A 250 -13.82 -35.70 -7.97
C GLY A 250 -13.29 -36.75 -7.02
N GLU A 251 -12.84 -37.87 -7.57
CA GLU A 251 -12.31 -38.96 -6.76
C GLU A 251 -10.87 -39.30 -7.14
N THR A 252 -10.12 -39.73 -6.13
CA THR A 252 -8.75 -40.16 -6.29
C THR A 252 -8.73 -41.60 -6.79
N ILE A 253 -7.83 -41.88 -7.73
CA ILE A 253 -7.74 -43.19 -8.40
C ILE A 253 -6.41 -43.84 -8.07
N ASN A 277 0.47 -48.15 -1.97
CA ASN A 277 0.96 -48.35 -3.33
C ASN A 277 -0.08 -48.03 -4.43
N VAL A 278 -0.63 -49.07 -5.07
CA VAL A 278 -0.98 -49.06 -6.50
C VAL A 278 0.34 -48.81 -7.26
N GLU A 279 0.38 -47.79 -8.11
CA GLU A 279 1.60 -47.39 -8.80
C GLU A 279 1.47 -45.87 -9.09
N GLY A 280 1.15 -45.10 -8.05
CA GLY A 280 1.00 -43.64 -8.22
C GLY A 280 -0.43 -43.24 -8.52
N LYS A 281 -0.93 -42.24 -7.78
CA LYS A 281 -2.35 -41.89 -7.81
C LYS A 281 -2.69 -41.15 -9.09
N LYS A 282 -3.96 -41.19 -9.48
CA LYS A 282 -4.55 -40.14 -10.29
C LYS A 282 -5.81 -39.56 -9.66
N MET A 283 -6.11 -38.31 -9.98
CA MET A 283 -7.27 -37.63 -9.40
C MET A 283 -8.46 -37.67 -10.36
N PHE A 284 -8.38 -36.92 -11.44
CA PHE A 284 -9.05 -37.28 -12.68
C PHE A 284 -8.11 -37.21 -13.87
N VAL A 285 -6.94 -36.61 -13.65
CA VAL A 285 -5.78 -36.85 -14.50
C VAL A 285 -4.48 -36.58 -13.74
N GLU A 286 -3.97 -37.61 -13.07
CA GLU A 286 -2.84 -37.44 -12.17
C GLU A 286 -3.30 -36.86 -10.83
N HIS A 287 -2.36 -36.74 -9.88
CA HIS A 287 -2.69 -36.31 -8.54
C HIS A 287 -1.58 -35.43 -7.95
N LYS A 288 -1.95 -34.23 -7.53
CA LYS A 288 -0.98 -33.17 -7.31
C LYS A 288 -0.74 -33.03 -5.83
N GLY A 289 -1.42 -33.85 -5.04
CA GLY A 289 -1.32 -33.78 -3.60
C GLY A 289 -2.13 -32.65 -3.00
N SER A 290 -1.53 -31.93 -2.07
CA SER A 290 -2.27 -30.99 -1.23
C SER A 290 -2.26 -29.59 -1.82
N LEU A 291 -3.44 -28.98 -1.90
CA LEU A 291 -3.56 -27.60 -2.35
C LEU A 291 -2.64 -26.68 -1.56
N GLU A 292 -2.53 -26.91 -0.24
CA GLU A 292 -1.68 -26.08 0.59
C GLU A 292 -0.21 -26.09 0.13
N ASP A 293 0.29 -27.25 -0.27
CA ASP A 293 1.68 -27.34 -0.73
C ASP A 293 1.86 -26.61 -2.06
N THR A 294 0.88 -26.73 -2.94
CA THR A 294 0.88 -26.01 -4.20
C THR A 294 0.94 -24.49 -4.03
N LEU A 295 0.16 -23.96 -3.08
CA LEU A 295 0.14 -22.51 -2.82
C LEU A 295 1.44 -21.99 -2.19
N ILE A 296 2.04 -22.80 -1.32
CA ILE A 296 3.36 -22.50 -0.75
C ILE A 296 4.44 -22.44 -1.84
N GLU A 297 4.46 -23.43 -2.72
CA GLU A 297 5.40 -23.47 -3.82
C GLU A 297 5.16 -22.30 -4.79
N MET A 298 3.90 -22.03 -5.11
CA MET A 298 3.59 -20.82 -5.88
C MET A 298 4.17 -19.56 -5.24
N GLU A 299 4.09 -19.46 -3.93
CA GLU A 299 4.60 -18.29 -3.26
C GLU A 299 6.13 -18.24 -3.32
N GLN A 300 6.76 -19.38 -3.10
CA GLN A 300 8.21 -19.46 -3.20
C GLN A 300 8.74 -19.12 -4.59
N ASP A 301 8.09 -19.69 -5.59
CA ASP A 301 8.46 -19.43 -7.00
C ASP A 301 8.31 -17.98 -7.35
N LEU A 302 7.22 -17.39 -6.88
CA LEU A 302 7.01 -15.95 -7.08
C LEU A 302 8.02 -15.03 -6.35
N GLN A 303 8.46 -15.42 -5.15
CA GLN A 303 9.57 -14.74 -4.47
C GLN A 303 10.87 -14.82 -5.27
N SER A 304 11.14 -15.98 -5.87
CA SER A 304 12.27 -16.11 -6.79
C SER A 304 12.20 -15.18 -7.97
N SER A 305 11.00 -15.05 -8.56
CA SER A 305 10.73 -14.09 -9.63
C SER A 305 11.05 -12.69 -9.21
N ILE A 306 10.60 -12.27 -8.02
CA ILE A 306 10.91 -10.93 -7.50
C ILE A 306 12.42 -10.77 -7.29
N SER A 307 13.09 -11.81 -6.81
CA SER A 307 14.54 -11.78 -6.66
CA SER A 307 14.55 -11.78 -6.66
C SER A 307 15.23 -11.48 -8.00
N TYR A 308 14.89 -12.27 -9.00
CA TYR A 308 15.41 -12.06 -10.36
C TYR A 308 15.05 -10.72 -10.95
N ALA A 309 13.89 -10.16 -10.60
CA ALA A 309 13.46 -8.82 -11.09
C ALA A 309 14.24 -7.67 -10.46
N GLY A 310 15.11 -7.94 -9.51
CA GLY A 310 15.92 -6.88 -8.88
C GLY A 310 15.15 -6.03 -7.88
N GLY A 311 14.11 -6.61 -7.29
CA GLY A 311 13.27 -5.92 -6.32
C GLY A 311 13.04 -6.70 -5.05
N THR A 312 12.16 -6.17 -4.22
CA THR A 312 11.72 -6.87 -3.02
C THR A 312 10.21 -7.05 -2.95
N LYS A 313 9.46 -6.52 -3.92
CA LYS A 313 8.02 -6.67 -3.90
C LYS A 313 7.46 -6.91 -5.30
N LEU A 314 6.18 -7.30 -5.35
CA LEU A 314 5.56 -7.77 -6.57
C LEU A 314 5.66 -6.81 -7.74
N ASP A 315 5.47 -5.53 -7.46
CA ASP A 315 5.52 -4.53 -8.51
C ASP A 315 6.85 -4.41 -9.22
N SER A 316 7.92 -4.92 -8.60
CA SER A 316 9.22 -4.92 -9.28
C SER A 316 9.17 -5.71 -10.60
N ILE A 317 8.33 -6.74 -10.67
CA ILE A 317 8.17 -7.56 -11.89
C ILE A 317 7.68 -6.70 -13.08
N ARG A 318 6.89 -5.65 -12.79
CA ARG A 318 6.30 -4.78 -13.79
C ARG A 318 7.29 -3.94 -14.64
N THR A 319 8.53 -3.77 -14.22
CA THR A 319 9.46 -2.93 -14.99
C THR A 319 10.69 -3.65 -15.50
N VAL A 320 10.68 -4.97 -15.49
CA VAL A 320 11.74 -5.72 -16.13
C VAL A 320 11.65 -5.69 -17.66
N ASP A 321 12.80 -5.86 -18.29
CA ASP A 321 12.81 -6.01 -19.74
C ASP A 321 12.46 -7.44 -20.08
N TYR A 322 12.22 -7.74 -21.36
CA TYR A 322 11.86 -9.08 -21.78
C TYR A 322 12.33 -9.31 -23.21
N VAL A 323 12.36 -10.58 -23.60
CA VAL A 323 12.60 -10.92 -25.00
C VAL A 323 11.49 -11.87 -25.49
N VAL A 324 11.32 -11.91 -26.81
CA VAL A 324 10.43 -12.81 -27.48
C VAL A 324 11.33 -13.82 -28.20
N VAL A 325 11.28 -15.08 -27.76
CA VAL A 325 12.16 -16.13 -28.22
C VAL A 325 11.65 -16.66 -29.58
N LYS A 326 12.55 -17.32 -30.32
CA LYS A 326 12.24 -17.79 -31.68
C LYS A 326 11.44 -19.10 -31.60
N ASN A 327 12.05 -20.20 -31.15
CA ASN A 327 11.30 -21.47 -30.89
C ASN A 327 10.86 -21.61 -29.45
N SER A 328 9.56 -21.71 -29.23
CA SER A 328 9.04 -21.76 -27.88
C SER A 328 8.36 -23.08 -27.49
N ILE A 329 8.17 -23.99 -28.44
CA ILE A 329 7.42 -25.25 -28.19
C ILE A 329 8.34 -26.47 -28.01
N GLY B 11 -7.15 34.58 20.84
CA GLY B 11 -6.25 35.51 20.08
C GLY B 11 -4.83 35.02 19.81
N ASN B 12 -3.94 35.22 20.78
CA ASN B 12 -2.48 35.12 20.56
C ASN B 12 -1.94 33.68 20.57
N VAL B 13 -2.00 33.08 21.75
CA VAL B 13 -1.50 31.70 21.98
C VAL B 13 -2.68 30.73 22.09
N PHE B 14 -2.51 29.56 21.48
CA PHE B 14 -3.55 28.58 21.30
C PHE B 14 -2.88 27.26 20.90
N ASP B 15 -3.66 26.19 20.82
CA ASP B 15 -3.16 24.89 20.38
C ASP B 15 -4.16 24.29 19.39
N TYR B 16 -3.77 23.18 18.85
CA TYR B 16 -4.58 22.43 17.87
C TYR B 16 -6.09 22.36 18.12
N GLU B 17 -6.47 22.04 19.34
CA GLU B 17 -7.88 21.89 19.71
C GLU B 17 -8.72 23.17 19.63
N ASP B 18 -8.03 24.30 19.66
CA ASP B 18 -8.65 25.62 19.57
C ASP B 18 -8.99 26.10 18.16
N ILE B 19 -8.42 25.47 17.14
CA ILE B 19 -8.54 25.95 15.77
C ILE B 19 -9.48 25.08 14.93
N GLN B 20 -10.32 25.80 14.17
CA GLN B 20 -11.13 25.26 13.09
C GLN B 20 -10.80 25.98 11.78
N LEU B 21 -10.52 25.21 10.73
CA LEU B 21 -10.29 25.75 9.42
C LEU B 21 -11.61 25.97 8.68
N ILE B 22 -11.69 27.08 7.94
CA ILE B 22 -12.93 27.46 7.25
C ILE B 22 -12.98 26.99 5.79
N PRO B 23 -14.06 26.27 5.41
CA PRO B 23 -14.09 25.78 4.02
C PRO B 23 -14.24 26.89 2.96
N ALA B 24 -13.65 26.62 1.80
CA ALA B 24 -13.82 27.42 0.59
C ALA B 24 -14.46 26.55 -0.50
N LYS B 25 -14.84 27.19 -1.60
CA LYS B 25 -15.64 26.54 -2.64
C LYS B 25 -14.94 25.28 -3.15
N CYS B 26 -15.67 24.17 -3.17
CA CYS B 26 -15.13 22.92 -3.65
C CYS B 26 -14.88 22.95 -5.17
N ILE B 27 -13.70 22.50 -5.58
CA ILE B 27 -13.38 22.44 -7.01
C ILE B 27 -13.04 21.06 -7.53
N VAL B 28 -13.36 20.01 -6.77
CA VAL B 28 -13.13 18.66 -7.21
C VAL B 28 -14.44 17.92 -7.21
N ASN B 29 -14.48 16.84 -7.98
CA ASN B 29 -15.61 15.92 -7.98
C ASN B 29 -15.42 14.69 -7.09
N SER B 30 -14.18 14.40 -6.72
CA SER B 30 -13.94 13.47 -5.66
C SER B 30 -12.60 13.81 -5.03
N ARG B 31 -12.52 13.58 -3.72
CA ARG B 31 -11.26 13.74 -2.99
C ARG B 31 -10.13 12.91 -3.61
N SER B 32 -10.45 11.99 -4.52
CA SER B 32 -9.40 11.21 -5.18
C SER B 32 -8.61 12.05 -6.20
N GLU B 33 -9.15 13.19 -6.60
CA GLU B 33 -8.45 14.16 -7.44
C GLU B 33 -7.45 15.05 -6.66
N CYS B 34 -7.35 14.84 -5.35
CA CYS B 34 -6.51 15.69 -4.47
C CYS B 34 -5.17 15.02 -4.24
N ASP B 35 -4.10 15.80 -4.38
CA ASP B 35 -2.72 15.32 -4.30
C ASP B 35 -2.09 15.78 -2.96
N THR B 36 -1.71 14.82 -2.15
CA THR B 36 -1.19 15.07 -0.78
C THR B 36 0.34 15.00 -0.70
N THR B 37 0.98 14.83 -1.85
CA THR B 37 2.44 14.69 -1.88
C THR B 37 3.18 15.94 -1.41
N VAL B 38 4.38 15.71 -0.88
CA VAL B 38 5.27 16.81 -0.51
C VAL B 38 6.73 16.45 -0.86
N THR B 39 7.53 17.47 -1.14
CA THR B 39 8.97 17.27 -1.28
C THR B 39 9.76 17.82 -0.09
N LEU B 40 10.84 17.11 0.22
CA LEU B 40 11.79 17.52 1.25
C LEU B 40 13.14 17.16 0.66
N GLY B 41 13.84 18.21 0.27
CA GLY B 41 15.18 18.10 -0.31
C GLY B 41 15.02 17.66 -1.74
N LYS B 42 15.74 16.62 -2.09
CA LYS B 42 15.75 16.10 -3.46
C LYS B 42 14.78 14.93 -3.66
N HIS B 43 13.88 14.67 -2.70
CA HIS B 43 12.98 13.51 -2.73
C HIS B 43 11.48 13.92 -2.50
N LYS B 44 10.58 13.20 -3.14
CA LYS B 44 9.12 13.38 -3.00
C LYS B 44 8.52 12.24 -2.20
N PHE B 45 7.54 12.55 -1.37
CA PHE B 45 6.94 11.54 -0.48
C PHE B 45 5.44 11.56 -0.58
N LYS B 46 4.80 10.46 -0.19
CA LYS B 46 3.33 10.36 -0.33
C LYS B 46 2.50 11.27 0.57
N LEU B 47 3.04 11.56 1.75
CA LEU B 47 2.37 12.35 2.80
C LEU B 47 3.36 13.26 3.50
N PRO B 48 2.87 14.42 4.01
CA PRO B 48 3.66 15.31 4.88
C PRO B 48 3.68 14.90 6.33
N VAL B 49 3.79 13.58 6.57
CA VAL B 49 3.93 13.03 7.91
C VAL B 49 5.13 12.09 8.03
N VAL B 50 5.59 11.91 9.26
CA VAL B 50 6.76 11.07 9.57
C VAL B 50 6.66 10.53 11.00
N PRO B 51 6.87 9.20 11.20
CA PRO B 51 6.87 8.68 12.57
C PRO B 51 7.98 9.30 13.40
N ALA B 52 7.73 9.35 14.70
CA ALA B 52 8.72 9.83 15.65
C ALA B 52 9.97 8.96 15.59
N ASN B 53 11.14 9.61 15.59
CA ASN B 53 12.42 8.86 15.51
C ASN B 53 12.87 8.31 16.89
N MET B 54 12.04 7.43 17.42
CA MET B 54 12.21 6.78 18.71
C MET B 54 12.01 5.28 18.56
N GLN B 55 12.73 4.51 19.38
CA GLN B 55 12.72 3.04 19.26
C GLN B 55 11.38 2.40 19.70
N THR B 56 10.53 3.16 20.36
CA THR B 56 9.18 2.70 20.67
C THR B 56 8.19 2.88 19.49
N ILE B 57 8.61 3.62 18.46
CA ILE B 57 7.76 3.97 17.31
C ILE B 57 8.29 3.36 16.00
N ILE B 58 9.59 3.47 15.75
CA ILE B 58 10.15 2.95 14.51
C ILE B 58 11.22 1.88 14.78
N ASP B 59 11.35 0.97 13.82
CA ASP B 59 12.47 0.04 13.74
C ASP B 59 12.79 -0.23 12.29
N GLU B 60 13.75 -1.12 12.04
CA GLU B 60 14.31 -1.22 10.71
C GLU B 60 13.34 -1.92 9.75
N ARG B 61 12.46 -2.76 10.28
CA ARG B 61 11.38 -3.35 9.50
C ARG B 61 10.40 -2.30 9.00
N ILE B 62 10.02 -1.38 9.88
CA ILE B 62 9.07 -0.35 9.53
C ILE B 62 9.71 0.64 8.56
N ALA B 63 10.94 1.02 8.87
CA ALA B 63 11.70 1.92 7.99
C ALA B 63 11.77 1.37 6.55
N THR B 64 12.09 0.09 6.43
CA THR B 64 12.16 -0.55 5.10
C THR B 64 10.79 -0.49 4.36
N TYR B 65 9.72 -0.84 5.07
CA TYR B 65 8.35 -0.72 4.53
C TYR B 65 8.01 0.70 4.03
N LEU B 66 8.28 1.71 4.86
CA LEU B 66 7.96 3.09 4.50
C LEU B 66 8.77 3.52 3.27
N ALA B 67 10.07 3.24 3.28
CA ALA B 67 10.94 3.64 2.18
C ALA B 67 10.54 2.98 0.85
N GLU B 68 10.22 1.69 0.88
CA GLU B 68 9.78 0.92 -0.32
C GLU B 68 8.52 1.49 -0.92
N ASN B 69 7.70 2.16 -0.10
CA ASN B 69 6.41 2.72 -0.48
C ASN B 69 6.35 4.26 -0.52
N ASN B 70 7.52 4.90 -0.59
CA ASN B 70 7.67 6.35 -0.81
C ASN B 70 7.08 7.25 0.28
N TYR B 71 7.08 6.74 1.50
CA TYR B 71 6.80 7.50 2.72
C TYR B 71 8.14 7.86 3.37
N PHE B 72 8.20 9.06 3.94
CA PHE B 72 9.39 9.57 4.63
C PHE B 72 9.52 8.88 6.01
N TYR B 73 10.76 8.61 6.42
CA TYR B 73 11.03 8.05 7.75
C TYR B 73 12.38 8.67 8.24
N ILE B 74 12.54 8.69 9.55
CA ILE B 74 13.81 9.01 10.21
C ILE B 74 14.04 7.89 11.26
N MET B 75 15.15 7.15 11.11
CA MET B 75 15.49 6.09 12.09
C MET B 75 15.98 6.70 13.40
N HIS B 76 15.78 5.96 14.48
CA HIS B 76 16.28 6.35 15.78
C HIS B 76 17.77 5.97 15.93
N ARG B 77 18.42 6.44 17.00
CA ARG B 77 19.85 6.16 17.22
C ARG B 77 20.13 5.42 18.52
N PHE B 78 19.14 4.68 19.00
CA PHE B 78 19.34 3.64 20.02
C PHE B 78 20.08 2.49 19.32
N GLN B 79 21.03 1.85 19.98
CA GLN B 79 21.95 0.92 19.28
C GLN B 79 22.65 1.55 18.05
N PRO B 80 23.36 2.67 18.27
CA PRO B 80 23.99 3.47 17.24
C PRO B 80 25.04 2.74 16.41
N GLU B 81 25.57 1.64 16.96
CA GLU B 81 26.55 0.86 16.23
C GLU B 81 25.97 0.14 15.00
N LYS B 82 24.65 0.08 14.91
CA LYS B 82 23.98 -0.57 13.77
C LYS B 82 23.81 0.33 12.53
N ARG B 83 24.06 1.63 12.70
CA ARG B 83 23.75 2.64 11.65
C ARG B 83 24.51 2.49 10.35
N ILE B 84 25.80 2.19 10.41
CA ILE B 84 26.56 2.21 9.16
C ILE B 84 26.08 1.08 8.20
N SER B 85 25.76 -0.06 8.77
CA SER B 85 25.28 -1.19 7.97
C SER B 85 23.82 -0.98 7.57
N PHE B 86 23.02 -0.32 8.41
CA PHE B 86 21.68 0.15 8.00
C PHE B 86 21.76 0.98 6.73
N ILE B 87 22.61 1.99 6.74
CA ILE B 87 22.80 2.89 5.60
C ILE B 87 23.19 2.04 4.39
N ARG B 88 24.22 1.22 4.56
CA ARG B 88 24.66 0.33 3.52
C ARG B 88 23.54 -0.52 2.96
N ASP B 89 22.83 -1.20 3.84
CA ASP B 89 21.79 -2.13 3.40
C ASP B 89 20.60 -1.42 2.73
N MET B 90 20.19 -0.24 3.22
CA MET B 90 19.15 0.53 2.53
C MET B 90 19.55 1.00 1.12
N GLN B 91 20.73 1.58 1.01
CA GLN B 91 21.13 2.19 -0.24
C GLN B 91 21.40 1.09 -1.29
N SER B 92 21.81 -0.10 -0.81
CA SER B 92 22.03 -1.26 -1.71
C SER B 92 20.69 -1.85 -2.23
N ARG B 93 19.59 -1.48 -1.58
CA ARG B 93 18.24 -1.84 -2.02
C ARG B 93 17.53 -0.69 -2.73
N GLY B 94 18.30 0.34 -3.06
CA GLY B 94 17.75 1.52 -3.73
C GLY B 94 16.80 2.35 -2.88
N LEU B 95 16.95 2.28 -1.55
CA LEU B 95 16.07 2.97 -0.63
C LEU B 95 16.83 4.11 0.08
N ILE B 96 16.07 5.11 0.49
CA ILE B 96 16.60 6.28 1.23
C ILE B 96 17.12 5.80 2.57
N ALA B 97 18.31 6.28 2.92
CA ALA B 97 18.90 6.12 4.26
C ALA B 97 18.70 7.42 5.02
N SER B 98 17.96 7.37 6.13
CA SER B 98 17.63 8.59 6.92
C SER B 98 17.86 8.24 8.38
N ILE B 99 18.96 8.79 8.94
CA ILE B 99 19.40 8.43 10.28
C ILE B 99 19.34 9.60 11.28
N SER B 100 19.56 9.26 12.56
CA SER B 100 19.71 10.25 13.63
C SER B 100 21.15 10.23 14.20
N VAL B 101 21.63 11.41 14.61
CA VAL B 101 22.91 11.56 15.31
C VAL B 101 22.79 12.48 16.53
N GLY B 102 23.65 12.28 17.51
CA GLY B 102 23.85 13.23 18.60
C GLY B 102 24.97 14.24 18.33
N VAL B 103 25.54 14.80 19.40
CA VAL B 103 26.50 15.92 19.29
C VAL B 103 27.86 15.69 19.97
N LYS B 104 28.02 14.52 20.61
CA LYS B 104 29.24 14.16 21.33
C LYS B 104 30.41 13.82 20.41
N GLU B 105 31.60 13.75 21.01
CA GLU B 105 32.81 13.51 20.28
C GLU B 105 32.72 12.31 19.38
N ASP B 106 32.19 11.20 19.89
CA ASP B 106 32.19 9.97 19.10
C ASP B 106 31.38 10.15 17.82
N GLU B 107 30.40 11.04 17.83
CA GLU B 107 29.62 11.32 16.60
C GLU B 107 30.42 12.07 15.55
N TYR B 108 31.44 12.85 15.95
CA TYR B 108 32.33 13.50 14.97
C TYR B 108 33.11 12.43 14.23
N GLU B 109 33.45 11.36 14.96
CA GLU B 109 34.21 10.26 14.39
C GLU B 109 33.32 9.46 13.45
N PHE B 110 32.13 9.10 13.94
CA PHE B 110 31.07 8.45 13.12
C PHE B 110 30.94 9.12 11.75
N VAL B 111 30.74 10.43 11.76
CA VAL B 111 30.63 11.20 10.51
C VAL B 111 31.83 11.05 9.61
N GLN B 112 33.03 11.05 10.18
CA GLN B 112 34.23 10.93 9.36
C GLN B 112 34.37 9.52 8.78
N GLN B 113 33.99 8.51 9.55
CA GLN B 113 33.97 7.13 9.05
C GLN B 113 33.06 7.01 7.83
N LEU B 114 31.89 7.65 7.90
CA LEU B 114 30.97 7.62 6.77
C LEU B 114 31.59 8.21 5.55
N ALA B 115 32.22 9.37 5.69
CA ALA B 115 32.78 10.05 4.56
C ALA B 115 33.97 9.28 3.95
N ALA B 116 34.68 8.54 4.80
CA ALA B 116 35.86 7.74 4.41
C ALA B 116 35.42 6.64 3.46
N GLU B 117 34.37 5.92 3.85
CA GLU B 117 33.70 4.98 2.97
C GLU B 117 33.21 5.65 1.69
N HIS B 118 32.92 6.95 1.78
CA HIS B 118 32.13 7.62 0.75
C HIS B 118 30.65 7.29 0.89
N LEU B 119 30.17 7.24 2.13
CA LEU B 119 28.86 6.67 2.42
C LEU B 119 27.91 7.74 2.95
N THR B 120 27.03 8.23 2.09
CA THR B 120 26.34 9.50 2.31
C THR B 120 24.83 9.29 2.46
N PRO B 121 24.35 9.29 3.69
CA PRO B 121 22.91 9.23 3.95
C PRO B 121 22.17 10.38 3.29
N GLU B 122 20.98 10.11 2.76
CA GLU B 122 20.17 11.14 2.14
C GLU B 122 19.76 12.22 3.14
N TYR B 123 19.45 11.76 4.35
CA TYR B 123 19.02 12.63 5.47
C TYR B 123 19.73 12.28 6.79
N ILE B 124 20.16 13.33 7.50
CA ILE B 124 20.68 13.17 8.83
C ILE B 124 19.91 14.15 9.75
N THR B 125 19.37 13.61 10.82
CA THR B 125 18.70 14.39 11.85
C THR B 125 19.51 14.45 13.14
N ILE B 126 19.90 15.66 13.49
CA ILE B 126 20.57 15.96 14.79
C ILE B 126 19.46 16.12 15.84
N ASP B 127 19.47 15.23 16.81
CA ASP B 127 18.35 14.77 17.64
C ASP B 127 18.64 15.06 19.11
N ILE B 128 18.47 16.31 19.53
CA ILE B 128 18.78 16.82 20.91
C ILE B 128 17.55 17.56 21.55
N ALA B 129 17.28 17.28 22.82
CA ALA B 129 16.09 17.82 23.51
C ALA B 129 16.06 19.33 23.54
N HIS B 130 17.19 19.92 23.92
CA HIS B 130 17.38 21.38 23.89
C HIS B 130 18.41 21.75 22.81
N GLY B 131 17.93 21.75 21.57
CA GLY B 131 18.78 21.85 20.38
C GLY B 131 19.29 23.22 20.02
N HIS B 132 18.76 24.26 20.65
CA HIS B 132 19.28 25.63 20.46
C HIS B 132 20.60 25.75 21.24
N SER B 133 21.68 25.32 20.60
CA SER B 133 22.98 25.17 21.27
C SER B 133 24.16 25.16 20.30
N ASN B 134 25.31 25.61 20.80
CA ASN B 134 26.54 25.53 20.04
C ASN B 134 26.95 24.09 19.70
N ALA B 135 26.61 23.10 20.54
CA ALA B 135 26.92 21.69 20.17
C ALA B 135 26.19 21.20 18.91
N VAL B 136 24.94 21.66 18.74
CA VAL B 136 24.17 21.35 17.53
C VAL B 136 24.76 22.08 16.31
N ILE B 137 25.00 23.37 16.47
CA ILE B 137 25.57 24.23 15.45
C ILE B 137 26.91 23.70 14.92
N ASN B 138 27.80 23.33 15.85
CA ASN B 138 29.08 22.71 15.50
C ASN B 138 28.96 21.39 14.71
N MET B 139 28.00 20.56 15.14
CA MET B 139 27.70 19.31 14.43
C MET B 139 27.08 19.51 13.05
N ILE B 140 26.22 20.53 12.88
CA ILE B 140 25.76 20.93 11.55
C ILE B 140 26.97 21.24 10.64
N GLN B 141 27.88 22.04 11.16
CA GLN B 141 29.05 22.46 10.39
C GLN B 141 29.97 21.26 10.07
N HIS B 142 30.11 20.32 11.01
CA HIS B 142 30.92 19.11 10.82
C HIS B 142 30.33 18.26 9.68
N ILE B 143 29.01 18.09 9.69
CA ILE B 143 28.33 17.29 8.65
C ILE B 143 28.44 17.97 7.29
N LYS B 144 28.23 19.28 7.24
CA LYS B 144 28.28 20.00 5.97
C LYS B 144 29.68 19.94 5.33
N LYS B 145 30.71 20.01 6.17
CA LYS B 145 32.08 19.88 5.70
C LYS B 145 32.33 18.48 5.12
N HIS B 146 32.04 17.44 5.90
CA HIS B 146 32.38 16.06 5.54
C HIS B 146 31.40 15.30 4.62
N LEU B 147 30.10 15.51 4.83
CA LEU B 147 28.99 14.86 4.08
C LEU B 147 28.08 15.92 3.44
N PRO B 148 28.64 16.70 2.49
CA PRO B 148 27.93 17.86 1.99
C PRO B 148 26.64 17.56 1.20
N GLU B 149 26.46 16.33 0.75
CA GLU B 149 25.24 16.00 -0.01
C GLU B 149 24.11 15.45 0.88
N SER B 150 24.38 15.30 2.18
CA SER B 150 23.32 14.94 3.17
C SER B 150 22.40 16.12 3.50
N PHE B 151 21.10 15.86 3.51
CA PHE B 151 20.10 16.85 3.92
C PHE B 151 20.04 16.86 5.42
N VAL B 152 20.35 18.02 6.03
CA VAL B 152 20.47 18.11 7.50
C VAL B 152 19.26 18.76 8.18
N ILE B 153 18.61 17.96 9.01
CA ILE B 153 17.54 18.41 9.87
C ILE B 153 18.09 18.59 11.30
N ALA B 154 17.90 19.77 11.87
CA ALA B 154 18.40 20.01 13.21
C ALA B 154 17.34 20.47 14.21
N GLY B 155 17.47 20.04 15.45
CA GLY B 155 16.53 20.40 16.49
C GLY B 155 16.85 19.67 17.78
N ASN B 156 15.93 19.68 18.75
CA ASN B 156 14.66 20.43 18.65
C ASN B 156 14.78 21.91 19.12
N VAL B 157 14.00 22.77 18.50
CA VAL B 157 13.93 24.18 18.90
C VAL B 157 12.46 24.64 19.20
N GLY B 158 12.30 25.77 19.90
CA GLY B 158 10.98 26.31 20.15
C GLY B 158 10.79 27.81 19.97
N THR B 159 11.77 28.50 19.38
CA THR B 159 11.71 29.94 19.14
C THR B 159 12.23 30.28 17.76
N PRO B 160 11.79 31.43 17.21
CA PRO B 160 12.26 31.95 15.90
C PRO B 160 13.77 32.33 15.87
N GLU B 161 14.28 32.89 16.96
CA GLU B 161 15.70 33.07 17.22
CA GLU B 161 15.72 33.09 17.08
C GLU B 161 16.51 31.77 17.01
N ALA B 162 16.02 30.68 17.61
CA ALA B 162 16.68 29.38 17.49
C ALA B 162 16.65 28.83 16.04
N VAL B 163 15.47 28.91 15.40
CA VAL B 163 15.30 28.53 13.99
C VAL B 163 16.31 29.22 13.10
N ARG B 164 16.41 30.53 13.29
CA ARG B 164 17.32 31.37 12.49
C ARG B 164 18.78 31.04 12.68
N GLU B 165 19.18 30.77 13.92
CA GLU B 165 20.57 30.44 14.21
C GLU B 165 20.95 29.09 13.62
N LEU B 166 20.07 28.10 13.71
CA LEU B 166 20.34 26.79 13.09
C LEU B 166 20.31 26.85 11.55
N GLU B 167 19.38 27.58 10.96
CA GLU B 167 19.36 27.78 9.50
C GLU B 167 20.66 28.49 9.02
N ASN B 168 21.08 29.52 9.75
CA ASN B 168 22.28 30.28 9.39
C ASN B 168 23.55 29.48 9.57
N ALA B 169 23.53 28.56 10.53
CA ALA B 169 24.62 27.59 10.73
C ALA B 169 24.77 26.57 9.56
N GLY B 170 23.70 26.33 8.80
CA GLY B 170 23.69 25.42 7.66
C GLY B 170 22.61 24.33 7.61
N ALA B 171 21.74 24.25 8.61
CA ALA B 171 20.66 23.22 8.63
C ALA B 171 19.83 23.40 7.39
N ASP B 172 19.47 22.31 6.73
CA ASP B 172 18.56 22.37 5.59
C ASP B 172 17.09 22.42 6.06
N ALA B 173 16.86 21.98 7.31
CA ALA B 173 15.53 22.07 7.92
C ALA B 173 15.68 22.09 9.43
N THR B 174 14.65 22.58 10.11
CA THR B 174 14.63 22.56 11.60
C THR B 174 13.41 21.82 12.11
N LYS B 175 13.54 21.28 13.33
CA LYS B 175 12.45 20.53 13.95
C LYS B 175 12.00 21.24 15.21
N VAL B 176 10.75 21.67 15.18
CA VAL B 176 10.12 22.54 16.17
C VAL B 176 9.19 21.82 17.14
N GLY B 177 9.43 22.03 18.43
CA GLY B 177 8.67 21.39 19.52
C GLY B 177 9.55 21.12 20.72
N ILE B 178 9.16 21.63 21.88
CA ILE B 178 9.91 21.41 23.13
C ILE B 178 8.93 20.82 24.17
N GLY B 179 8.91 19.50 24.31
CA GLY B 179 7.87 18.87 25.13
C GLY B 179 6.47 19.37 24.75
N PRO B 180 6.05 19.10 23.50
CA PRO B 180 4.73 19.58 23.01
C PRO B 180 3.49 18.95 23.67
N GLY B 181 3.64 17.80 24.30
CA GLY B 181 2.48 17.10 24.87
C GLY B 181 1.92 17.76 26.13
N LYS B 182 0.59 17.82 26.22
CA LYS B 182 -0.06 18.55 27.32
C LYS B 182 0.31 18.02 28.68
N VAL B 183 0.64 16.72 28.77
CA VAL B 183 1.07 16.09 30.05
C VAL B 183 2.43 15.38 29.95
N CYS B 184 3.29 15.88 29.07
CA CYS B 184 4.57 15.24 28.87
C CYS B 184 5.50 15.58 30.02
N ILE B 185 6.53 14.76 30.16
CA ILE B 185 7.43 14.88 31.26
C ILE B 185 8.17 16.24 31.28
N THR B 186 8.54 16.78 30.12
CA THR B 186 9.26 18.08 30.08
C THR B 186 8.44 19.23 30.64
N LYS B 187 7.19 19.33 30.18
CA LYS B 187 6.27 20.34 30.68
C LYS B 187 6.08 20.20 32.19
N ILE B 188 5.87 18.98 32.65
CA ILE B 188 5.52 18.77 34.07
C ILE B 188 6.71 18.97 34.99
N LYS B 189 7.85 18.43 34.61
CA LYS B 189 9.03 18.48 35.45
C LYS B 189 9.76 19.79 35.41
N THR B 190 9.74 20.49 34.26
CA THR B 190 10.60 21.68 34.09
C THR B 190 9.89 23.04 34.07
N GLY B 191 8.60 23.07 33.70
CA GLY B 191 7.88 24.34 33.44
C GLY B 191 8.19 25.04 32.11
N PHE B 192 9.08 24.45 31.28
CA PHE B 192 9.44 24.98 29.99
C PHE B 192 8.87 24.22 28.82
N GLY B 193 8.69 24.99 27.75
CA GLY B 193 8.49 24.46 26.41
C GLY B 193 7.22 24.88 25.70
N THR B 194 6.93 24.18 24.62
CA THR B 194 5.73 24.44 23.78
C THR B 194 4.49 23.64 24.20
N GLY B 195 4.61 22.86 25.28
CA GLY B 195 3.48 22.06 25.74
C GLY B 195 2.27 22.88 26.04
N GLY B 196 1.13 22.49 25.47
CA GLY B 196 -0.13 23.28 25.54
C GLY B 196 -0.29 24.52 24.65
N TRP B 197 0.72 24.83 23.83
CA TRP B 197 0.56 25.84 22.79
C TRP B 197 1.39 25.54 21.56
N GLN B 198 1.48 24.28 21.21
CA GLN B 198 2.39 23.84 20.15
C GLN B 198 1.99 24.38 18.80
N LEU B 199 0.71 24.46 18.48
CA LEU B 199 0.36 25.05 17.18
C LEU B 199 0.74 26.52 17.08
N ALA B 200 0.52 27.34 18.14
CA ALA B 200 0.95 28.73 18.09
C ALA B 200 2.49 28.87 18.05
N ALA B 201 3.20 28.00 18.78
CA ALA B 201 4.66 27.95 18.70
C ALA B 201 5.14 27.68 17.27
N LEU B 202 4.51 26.72 16.59
CA LEU B 202 4.80 26.45 15.18
C LEU B 202 4.62 27.70 14.33
N ARG B 203 3.41 28.24 14.33
CA ARG B 203 3.15 29.54 13.72
C ARG B 203 4.29 30.51 14.00
N TRP B 204 4.68 30.61 15.26
CA TRP B 204 5.58 31.66 15.71
C TRP B 204 6.97 31.48 15.10
N CYS B 205 7.41 30.23 15.00
CA CYS B 205 8.72 29.92 14.46
C CYS B 205 8.72 29.95 12.94
N ALA B 206 7.64 29.45 12.35
CA ALA B 206 7.52 29.39 10.88
C ALA B 206 7.51 30.75 10.22
N LYS B 207 7.05 31.77 10.93
CA LYS B 207 7.08 33.12 10.41
C LYS B 207 8.52 33.62 10.17
N ALA B 208 9.45 33.07 10.95
CA ALA B 208 10.87 33.41 10.87
C ALA B 208 11.70 32.51 9.93
N ALA B 209 11.16 31.37 9.55
CA ALA B 209 11.92 30.34 8.81
C ALA B 209 12.14 30.66 7.32
N SER B 210 13.37 30.54 6.86
CA SER B 210 13.68 30.50 5.43
C SER B 210 13.70 29.07 4.88
N LYS B 211 13.83 28.11 5.76
CA LYS B 211 13.91 26.69 5.34
C LYS B 211 12.76 25.84 5.92
N PRO B 212 12.54 24.62 5.36
CA PRO B 212 11.39 23.81 5.84
C PRO B 212 11.42 23.50 7.33
N ILE B 213 10.23 23.41 7.92
CA ILE B 213 10.02 23.03 9.30
C ILE B 213 9.34 21.65 9.44
N ILE B 214 9.93 20.81 10.26
CA ILE B 214 9.24 19.62 10.77
C ILE B 214 8.60 19.96 12.12
N ALA B 215 7.26 19.91 12.15
CA ALA B 215 6.49 20.19 13.36
C ALA B 215 6.44 18.93 14.17
N ASP B 216 6.95 18.96 15.40
CA ASP B 216 7.19 17.70 16.15
C ASP B 216 6.31 17.59 17.36
N GLY B 217 5.22 16.84 17.20
CA GLY B 217 4.38 16.41 18.31
C GLY B 217 3.15 17.26 18.56
N GLY B 218 2.43 16.85 19.62
CA GLY B 218 1.18 17.48 20.00
C GLY B 218 0.02 17.10 19.12
N ILE B 219 0.25 16.16 18.22
CA ILE B 219 -0.75 15.75 17.23
C ILE B 219 -1.70 14.72 17.87
N ARG B 220 -2.97 15.07 17.97
CA ARG B 220 -3.97 14.17 18.56
C ARG B 220 -4.97 13.57 17.57
N THR B 221 -5.19 14.21 16.40
CA THR B 221 -6.11 13.72 15.40
C THR B 221 -5.51 13.87 13.99
N ASN B 222 -6.06 13.17 13.00
CA ASN B 222 -5.64 13.40 11.61
C ASN B 222 -5.83 14.83 11.14
N GLY B 223 -6.91 15.50 11.58
CA GLY B 223 -7.13 16.90 11.24
C GLY B 223 -6.03 17.85 11.68
N ASP B 224 -5.28 17.48 12.71
CA ASP B 224 -4.13 18.26 13.19
C ASP B 224 -3.00 18.31 12.18
N VAL B 225 -2.97 17.33 11.27
CA VAL B 225 -2.00 17.39 10.19
C VAL B 225 -2.33 18.56 9.31
N ALA B 226 -3.60 18.71 8.89
CA ALA B 226 -3.97 19.87 8.06
C ALA B 226 -3.68 21.19 8.78
N LYS B 227 -3.99 21.24 10.07
CA LYS B 227 -3.79 22.46 10.88
C LYS B 227 -2.31 22.86 10.89
N SER B 228 -1.44 21.86 11.03
CA SER B 228 0.02 22.03 11.02
C SER B 228 0.47 22.63 9.71
N ILE B 229 -0.07 22.11 8.60
CA ILE B 229 0.25 22.65 7.27
C ILE B 229 -0.17 24.13 7.15
N ARG B 230 -1.38 24.45 7.62
CA ARG B 230 -1.87 25.84 7.61
C ARG B 230 -0.91 26.79 8.31
N PHE B 231 -0.33 26.38 9.45
CA PHE B 231 0.51 27.25 10.24
C PHE B 231 2.01 27.06 9.97
N GLY B 232 2.33 26.42 8.83
CA GLY B 232 3.63 26.53 8.19
C GLY B 232 4.56 25.32 8.15
N ALA B 233 4.10 24.18 8.61
CA ALA B 233 4.90 22.97 8.56
C ALA B 233 5.08 22.45 7.14
N THR B 234 6.21 21.81 6.88
CA THR B 234 6.42 21.01 5.67
C THR B 234 6.16 19.55 5.93
N MET B 235 6.69 19.05 7.02
CA MET B 235 6.45 17.69 7.52
C MET B 235 5.93 17.77 8.96
N VAL B 236 5.10 16.80 9.36
CA VAL B 236 4.57 16.69 10.73
C VAL B 236 5.05 15.37 11.34
N MET B 237 5.81 15.44 12.45
CA MET B 237 6.31 14.24 13.14
C MET B 237 5.31 13.79 14.20
N ILE B 238 4.91 12.51 14.13
CA ILE B 238 3.80 11.94 14.89
C ILE B 238 4.25 10.79 15.74
N GLY B 239 3.96 10.88 17.04
CA GLY B 239 4.20 9.78 17.97
C GLY B 239 2.98 8.91 18.17
N SER B 240 2.05 9.38 19.02
CA SER B 240 0.94 8.57 19.52
C SER B 240 0.04 7.91 18.47
N LEU B 241 -0.30 8.65 17.39
CA LEU B 241 -1.16 8.10 16.32
C LEU B 241 -0.51 6.90 15.60
N PHE B 242 0.83 6.81 15.63
CA PHE B 242 1.58 5.70 15.03
C PHE B 242 1.93 4.55 16.00
N ALA B 243 1.72 4.74 17.29
CA ALA B 243 1.99 3.68 18.28
C ALA B 243 0.90 2.60 18.32
N GLY B 244 1.30 1.38 18.68
CA GLY B 244 0.33 0.31 18.97
C GLY B 244 -0.31 -0.41 17.79
N HIS B 245 0.37 -0.36 16.65
CA HIS B 245 0.04 -1.19 15.49
C HIS B 245 0.68 -2.57 15.59
N GLU B 246 0.16 -3.51 14.81
CA GLU B 246 0.74 -4.86 14.73
C GLU B 246 2.25 -4.82 14.46
N GLU B 247 2.65 -3.96 13.54
CA GLU B 247 4.04 -3.80 13.16
C GLU B 247 4.87 -3.05 14.20
N SER B 248 4.23 -2.44 15.17
CA SER B 248 4.95 -1.60 16.12
C SER B 248 5.78 -2.44 17.07
N PRO B 249 6.80 -1.84 17.66
CA PRO B 249 7.44 -2.44 18.83
C PRO B 249 6.47 -2.62 19.97
N GLY B 250 6.66 -3.66 20.79
CA GLY B 250 7.05 -4.96 20.29
C GLY B 250 5.88 -5.94 20.21
N GLU B 251 5.21 -6.15 21.34
CA GLU B 251 4.48 -7.38 21.57
C GLU B 251 3.03 -7.09 21.90
N THR B 252 2.13 -7.89 21.37
CA THR B 252 0.72 -7.59 21.46
C THR B 252 -0.05 -8.49 22.41
N ILE B 253 -1.21 -8.02 22.88
CA ILE B 253 -1.96 -8.80 23.84
C ILE B 253 -3.38 -9.04 23.38
N GLU B 254 -3.90 -10.23 23.68
CA GLU B 254 -5.34 -10.50 23.63
C GLU B 254 -6.00 -10.25 24.98
N LYS B 255 -7.34 -10.22 25.00
CA LYS B 255 -8.07 -10.09 26.25
C LYS B 255 -9.36 -9.31 26.08
N GLU B 279 -9.71 -11.24 23.83
CA GLU B 279 -10.97 -10.92 23.19
C GLU B 279 -10.77 -9.96 22.02
N GLY B 280 -10.43 -8.70 22.34
CA GLY B 280 -9.81 -7.82 21.36
C GLY B 280 -8.56 -7.16 21.91
N LYS B 281 -7.67 -6.76 21.00
CA LYS B 281 -6.25 -6.79 21.27
C LYS B 281 -5.76 -5.46 21.87
N LYS B 282 -4.60 -5.49 22.50
CA LYS B 282 -3.88 -4.27 22.84
C LYS B 282 -2.39 -4.42 22.57
N MET B 283 -1.74 -3.31 22.22
CA MET B 283 -0.30 -3.30 22.00
C MET B 283 0.39 -2.28 22.90
N PHE B 284 0.26 -2.47 24.21
CA PHE B 284 0.63 -1.45 25.17
C PHE B 284 -0.40 -0.34 25.23
N VAL B 285 -1.22 -0.23 24.19
CA VAL B 285 -2.51 0.44 24.30
C VAL B 285 -3.64 -0.43 23.74
N GLU B 286 -4.67 0.22 23.19
CA GLU B 286 -5.53 -0.41 22.21
C GLU B 286 -4.78 -0.71 20.91
N HIS B 287 -5.01 -1.90 20.36
CA HIS B 287 -4.37 -2.29 19.11
C HIS B 287 -4.98 -1.51 17.94
N LYS B 288 -4.11 -0.84 17.18
CA LYS B 288 -4.57 0.05 16.14
C LYS B 288 -4.69 -0.69 14.81
N GLY B 289 -4.34 -1.97 14.79
CA GLY B 289 -4.39 -2.73 13.55
C GLY B 289 -3.14 -2.58 12.68
N SER B 290 -3.35 -2.51 11.38
CA SER B 290 -2.26 -2.42 10.37
C SER B 290 -1.77 -0.97 10.15
N LEU B 291 -0.46 -0.80 10.14
CA LEU B 291 0.15 0.48 9.83
C LEU B 291 -0.27 0.98 8.44
N GLU B 292 -0.31 0.07 7.47
CA GLU B 292 -0.73 0.42 6.14
C GLU B 292 -2.14 1.00 6.12
N ASP B 293 -3.06 0.42 6.91
CA ASP B 293 -4.43 0.94 6.96
C ASP B 293 -4.44 2.35 7.57
N THR B 294 -3.62 2.56 8.58
CA THR B 294 -3.50 3.88 9.21
C THR B 294 -3.01 4.92 8.19
N LEU B 295 -1.96 4.60 7.42
CA LEU B 295 -1.44 5.53 6.42
C LEU B 295 -2.41 5.81 5.28
N ILE B 296 -3.10 4.78 4.80
CA ILE B 296 -4.14 4.97 3.76
C ILE B 296 -5.23 5.94 4.28
N GLU B 297 -5.71 5.70 5.49
CA GLU B 297 -6.71 6.57 6.14
C GLU B 297 -6.20 8.00 6.32
N MET B 298 -4.94 8.14 6.74
CA MET B 298 -4.36 9.50 6.83
C MET B 298 -4.42 10.23 5.47
N GLU B 299 -4.09 9.51 4.40
CA GLU B 299 -4.08 10.11 3.07
C GLU B 299 -5.49 10.51 2.64
N GLN B 300 -6.46 9.62 2.87
CA GLN B 300 -7.86 9.93 2.53
C GLN B 300 -8.40 11.15 3.32
N ASP B 301 -8.05 11.21 4.59
CA ASP B 301 -8.45 12.35 5.43
C ASP B 301 -7.86 13.66 4.94
N LEU B 302 -6.60 13.64 4.54
CA LEU B 302 -5.94 14.86 4.02
C LEU B 302 -6.45 15.31 2.64
N GLN B 303 -6.82 14.35 1.81
CA GLN B 303 -7.53 14.63 0.57
C GLN B 303 -8.85 15.36 0.86
N SER B 304 -9.59 14.90 1.87
CA SER B 304 -10.80 15.62 2.29
C SER B 304 -10.49 17.01 2.77
N SER B 305 -9.39 17.16 3.52
CA SER B 305 -8.95 18.51 3.95
C SER B 305 -8.70 19.42 2.73
N ILE B 306 -7.98 18.92 1.73
CA ILE B 306 -7.72 19.68 0.50
C ILE B 306 -9.01 20.02 -0.22
N SER B 307 -9.91 19.06 -0.33
CA SER B 307 -11.24 19.37 -0.91
C SER B 307 -11.96 20.55 -0.18
N TYR B 308 -12.06 20.47 1.16
CA TYR B 308 -12.61 21.57 1.98
C TYR B 308 -11.85 22.88 1.83
N ALA B 309 -10.53 22.82 1.55
CA ALA B 309 -9.72 24.03 1.35
C ALA B 309 -9.97 24.70 0.01
N GLY B 310 -10.71 24.04 -0.89
CA GLY B 310 -11.03 24.66 -2.16
C GLY B 310 -9.89 24.57 -3.16
N GLY B 311 -9.02 23.58 -2.98
CA GLY B 311 -7.96 23.26 -3.95
C GLY B 311 -7.88 21.82 -4.38
N THR B 312 -6.76 21.50 -5.02
CA THR B 312 -6.43 20.12 -5.42
C THR B 312 -5.06 19.64 -4.95
N LYS B 313 -4.29 20.54 -4.33
CA LYS B 313 -2.96 20.21 -3.81
C LYS B 313 -2.81 20.57 -2.32
N LEU B 314 -1.79 20.00 -1.70
CA LEU B 314 -1.53 20.25 -0.27
C LEU B 314 -1.40 21.75 0.07
N ASP B 315 -0.75 22.52 -0.78
CA ASP B 315 -0.52 23.95 -0.54
C ASP B 315 -1.80 24.77 -0.48
N SER B 316 -2.89 24.27 -1.04
CA SER B 316 -4.22 24.87 -0.86
C SER B 316 -4.60 25.14 0.61
N ILE B 317 -4.25 24.18 1.46
CA ILE B 317 -4.50 24.31 2.89
C ILE B 317 -3.83 25.53 3.49
N ARG B 318 -2.68 25.92 2.96
CA ARG B 318 -1.93 27.05 3.52
C ARG B 318 -2.63 28.41 3.46
N THR B 319 -3.71 28.54 2.66
CA THR B 319 -4.29 29.87 2.45
C THR B 319 -5.71 30.03 2.99
N VAL B 320 -6.22 29.03 3.68
CA VAL B 320 -7.61 29.12 4.16
C VAL B 320 -7.70 30.00 5.39
N ASP B 321 -8.89 30.52 5.67
CA ASP B 321 -9.14 31.22 6.91
C ASP B 321 -9.40 30.24 8.04
N TYR B 322 -9.39 30.74 9.28
CA TYR B 322 -9.64 29.91 10.45
C TYR B 322 -10.31 30.70 11.57
N VAL B 323 -10.85 30.01 12.57
CA VAL B 323 -11.38 30.64 13.79
C VAL B 323 -10.71 29.99 15.01
N VAL B 324 -10.73 30.71 16.15
CA VAL B 324 -10.27 30.19 17.43
C VAL B 324 -11.54 29.99 18.27
N VAL B 325 -11.89 28.75 18.53
CA VAL B 325 -13.13 28.45 19.25
C VAL B 325 -13.01 28.81 20.73
N LYS B 326 -14.15 28.98 21.38
CA LYS B 326 -14.14 29.30 22.83
C LYS B 326 -13.88 28.07 23.70
N ASN B 327 -14.79 27.08 23.69
CA ASN B 327 -14.56 25.80 24.37
C ASN B 327 -13.98 24.70 23.48
N SER B 328 -12.77 24.26 23.82
CA SER B 328 -12.07 23.27 23.03
C SER B 328 -12.24 21.91 23.63
#